data_1P9E
#
_entry.id   1P9E
#
_cell.length_a   85.020
_cell.length_b   85.020
_cell.length_c   199.773
_cell.angle_alpha   90.00
_cell.angle_beta   90.00
_cell.angle_gamma   90.00
#
_symmetry.space_group_name_H-M   'P 43 21 2'
#
loop_
_entity.id
_entity.type
_entity.pdbx_description
1 polymer 'Methyl Parathion Hydrolase'
2 non-polymer 'ZINC ION'
3 non-polymer 'POTASSIUM ION'
4 non-polymer 'SODIUM ION'
5 non-polymer 'CADMIUM ION'
6 water water
#
_entity_poly.entity_id   1
_entity_poly.type   'polypeptide(L)'
_entity_poly.pdbx_seq_one_letter_code
;MPLKNRLLARLSCVAAVVAATAAVAPLTLVSTAHAAAPQVRTSAPGYYRMLLGDFEITALSDGTVALPVDKRLNQPAPKT
QSALAKSFQKAPLETSVTGYLVNTGSKLVLVDTGAAGLFGPTLGRLAANLKAAGYQPEQVDEIYITHMHPDHVGGLMVGE
QLAFPNAVVRADQKEADFWLSQTNLDKAPDDESKGFFKGAMASLNPYVKAGKFKPFSGNTDLVPGIKALASHGHTPGHTT
YVVESQGQKLALLGDLILVAAVQFDDPSVTTQLDSDSKSVAVERKKAFADAAKGGYLIAASHLSFPGIGHIRAEGKGYRF
VPVNYSVVNPK
;
_entity_poly.pdbx_strand_id   A,B
#
loop_
_chem_comp.id
_chem_comp.type
_chem_comp.name
_chem_comp.formula
CD non-polymer 'CADMIUM ION' 'Cd 2'
K non-polymer 'POTASSIUM ION' 'K 1'
NA non-polymer 'SODIUM ION' 'Na 1'
ZN non-polymer 'ZINC ION' 'Zn 2'
#
# COMPACT_ATOMS: atom_id res chain seq x y z
N ALA A 36 25.25 3.87 -13.09
CA ALA A 36 23.96 3.53 -13.77
C ALA A 36 23.65 2.04 -13.59
N ALA A 37 22.44 1.67 -13.96
CA ALA A 37 22.04 0.29 -13.85
C ALA A 37 20.88 0.04 -14.78
N PRO A 38 20.71 -1.20 -15.24
CA PRO A 38 19.59 -1.50 -16.15
C PRO A 38 18.32 -1.56 -15.29
N GLN A 39 17.19 -1.11 -15.84
CA GLN A 39 15.94 -1.12 -15.08
C GLN A 39 15.56 -2.57 -14.81
N VAL A 40 15.19 -2.85 -13.56
CA VAL A 40 14.81 -4.19 -13.17
C VAL A 40 13.38 -4.48 -13.61
N ARG A 41 12.53 -3.47 -13.48
CA ARG A 41 11.11 -3.56 -13.84
C ARG A 41 10.36 -4.80 -13.35
N THR A 42 10.43 -5.09 -12.06
CA THR A 42 9.67 -6.19 -11.49
C THR A 42 9.10 -5.64 -10.20
N SER A 43 7.86 -6.03 -9.88
CA SER A 43 7.21 -5.58 -8.67
C SER A 43 7.73 -6.38 -7.48
N ALA A 44 7.51 -5.87 -6.28
CA ALA A 44 7.94 -6.59 -5.08
C ALA A 44 7.04 -7.82 -4.97
N PRO A 45 7.51 -8.87 -4.26
CA PRO A 45 6.76 -10.13 -4.06
C PRO A 45 5.34 -9.73 -3.63
N GLY A 46 4.33 -10.37 -4.17
CA GLY A 46 2.97 -9.97 -3.85
C GLY A 46 2.35 -10.44 -2.55
N TYR A 47 2.95 -10.11 -1.42
CA TYR A 47 2.35 -10.52 -0.16
C TYR A 47 2.52 -9.38 0.84
N TYR A 48 1.56 -9.25 1.75
CA TYR A 48 1.59 -8.19 2.74
C TYR A 48 1.29 -8.80 4.12
N ARG A 49 2.21 -8.62 5.08
CA ARG A 49 2.06 -9.17 6.43
C ARG A 49 1.38 -8.23 7.42
N MET A 50 0.49 -8.78 8.25
CA MET A 50 -0.22 -7.97 9.23
C MET A 50 -0.62 -8.87 10.39
N LEU A 51 -0.44 -8.37 11.61
CA LEU A 51 -0.82 -9.14 12.78
C LEU A 51 -2.23 -8.78 13.21
N LEU A 52 -3.00 -9.77 13.62
CA LEU A 52 -4.36 -9.50 14.06
C LEU A 52 -4.45 -10.26 15.39
N GLY A 53 -4.35 -9.53 16.50
CA GLY A 53 -4.39 -10.17 17.80
C GLY A 53 -3.24 -11.16 17.81
N ASP A 54 -3.54 -12.43 18.03
CA ASP A 54 -2.51 -13.45 18.04
C ASP A 54 -2.32 -14.07 16.66
N PHE A 55 -3.23 -13.77 15.74
CA PHE A 55 -3.12 -14.34 14.39
C PHE A 55 -2.19 -13.54 13.47
N GLU A 56 -1.77 -14.21 12.40
CA GLU A 56 -0.90 -13.63 11.39
C GLU A 56 -1.64 -13.65 10.06
N ILE A 57 -1.90 -12.47 9.50
CA ILE A 57 -2.59 -12.38 8.21
C ILE A 57 -1.54 -12.07 7.15
N THR A 58 -1.72 -12.63 5.96
CA THR A 58 -0.81 -12.32 4.87
C THR A 58 -1.70 -12.20 3.65
N ALA A 59 -1.83 -11.00 3.10
CA ALA A 59 -2.62 -10.84 1.88
C ALA A 59 -1.66 -11.33 0.79
N LEU A 60 -2.21 -12.10 -0.15
CA LEU A 60 -1.47 -12.70 -1.24
C LEU A 60 -2.11 -12.18 -2.51
N SER A 61 -1.34 -11.52 -3.35
CA SER A 61 -1.85 -10.96 -4.59
C SER A 61 -1.80 -12.05 -5.64
N ASP A 62 -2.81 -12.08 -6.50
CA ASP A 62 -2.87 -13.07 -7.60
C ASP A 62 -2.45 -12.28 -8.85
N GLY A 63 -2.27 -10.97 -8.67
CA GLY A 63 -1.90 -10.09 -9.77
C GLY A 63 -2.96 -9.03 -10.01
N THR A 64 -2.99 -8.47 -11.21
CA THR A 64 -3.99 -7.47 -11.56
C THR A 64 -4.50 -7.75 -12.98
N VAL A 65 -5.72 -7.27 -13.26
CA VAL A 65 -6.36 -7.40 -14.58
C VAL A 65 -7.13 -6.13 -14.82
N ALA A 66 -7.14 -5.65 -16.06
CA ALA A 66 -7.85 -4.42 -16.40
C ALA A 66 -9.30 -4.77 -16.68
N LEU A 67 -10.21 -4.09 -15.99
CA LEU A 67 -11.64 -4.36 -16.12
C LEU A 67 -12.44 -3.14 -16.60
N PRO A 68 -13.47 -3.38 -17.43
CA PRO A 68 -14.35 -2.36 -18.00
C PRO A 68 -15.41 -1.90 -17.01
N VAL A 69 -14.96 -1.17 -16.01
CA VAL A 69 -15.82 -0.63 -14.95
C VAL A 69 -17.14 0.00 -15.41
N ASP A 70 -17.06 0.92 -16.36
CA ASP A 70 -18.21 1.64 -16.90
C ASP A 70 -19.37 0.73 -17.33
N LYS A 71 -19.04 -0.29 -18.11
CA LYS A 71 -20.01 -1.23 -18.63
C LYS A 71 -20.66 -2.17 -17.62
N ARG A 72 -20.01 -2.42 -16.50
CA ARG A 72 -20.56 -3.34 -15.52
C ARG A 72 -21.35 -2.69 -14.39
N LEU A 73 -21.13 -1.40 -14.15
CA LEU A 73 -21.84 -0.72 -13.08
C LEU A 73 -23.27 -0.33 -13.43
N ASN A 74 -24.17 -0.49 -12.45
CA ASN A 74 -25.58 -0.15 -12.61
C ASN A 74 -25.77 1.29 -12.20
N GLN A 75 -25.24 2.16 -13.04
CA GLN A 75 -25.36 3.59 -12.85
C GLN A 75 -24.90 4.14 -14.18
N PRO A 76 -25.32 5.37 -14.53
CA PRO A 76 -24.96 6.03 -15.80
C PRO A 76 -23.45 6.06 -16.08
N ALA A 77 -23.10 5.71 -17.32
CA ALA A 77 -21.70 5.70 -17.71
C ALA A 77 -21.00 7.00 -17.28
N PRO A 78 -21.59 8.16 -17.59
CA PRO A 78 -20.93 9.41 -17.21
C PRO A 78 -20.63 9.49 -15.71
N LYS A 79 -21.50 8.87 -14.90
CA LYS A 79 -21.35 8.88 -13.45
C LYS A 79 -20.13 8.08 -12.96
N THR A 80 -19.90 6.88 -13.48
CA THR A 80 -18.72 6.15 -13.00
C THR A 80 -17.44 6.78 -13.61
N GLN A 81 -17.57 7.37 -14.81
CA GLN A 81 -16.42 8.02 -15.45
C GLN A 81 -15.97 9.19 -14.58
N SER A 82 -16.92 9.79 -13.88
CA SER A 82 -16.62 10.92 -13.01
C SER A 82 -16.04 10.41 -11.69
N ALA A 83 -16.65 9.33 -11.17
CA ALA A 83 -16.19 8.72 -9.93
C ALA A 83 -14.75 8.29 -10.12
N LEU A 84 -14.49 7.62 -11.24
CA LEU A 84 -13.16 7.16 -11.60
C LEU A 84 -12.14 8.31 -11.59
N ALA A 85 -12.46 9.39 -12.29
CA ALA A 85 -11.60 10.55 -12.41
C ALA A 85 -11.25 11.19 -11.07
N LYS A 86 -12.19 11.19 -10.12
CA LYS A 86 -11.96 11.77 -8.80
C LYS A 86 -11.02 10.88 -8.00
N SER A 87 -10.91 9.62 -8.42
CA SER A 87 -10.00 8.67 -7.76
C SER A 87 -8.72 8.53 -8.60
N PHE A 88 -8.59 9.37 -9.63
CA PHE A 88 -7.43 9.32 -10.50
C PHE A 88 -7.34 7.99 -11.19
N GLN A 89 -8.52 7.47 -11.54
CA GLN A 89 -8.71 6.20 -12.22
C GLN A 89 -8.93 6.43 -13.72
N LYS A 90 -8.48 5.49 -14.55
CA LYS A 90 -8.62 5.61 -16.01
C LYS A 90 -9.53 4.53 -16.60
N ALA A 91 -10.12 4.84 -17.76
CA ALA A 91 -11.03 3.92 -18.48
C ALA A 91 -11.07 2.49 -17.96
N PRO A 92 -10.25 1.55 -18.52
CA PRO A 92 -10.35 0.20 -17.94
C PRO A 92 -9.54 0.16 -16.65
N LEU A 93 -10.21 -0.07 -15.54
CA LEU A 93 -9.53 -0.10 -14.26
C LEU A 93 -8.62 -1.33 -14.03
N GLU A 94 -7.33 -1.09 -13.79
CA GLU A 94 -6.41 -2.20 -13.48
C GLU A 94 -6.81 -2.59 -12.06
N THR A 95 -7.34 -3.79 -11.90
CA THR A 95 -7.84 -4.23 -10.61
C THR A 95 -7.06 -5.36 -9.99
N SER A 96 -6.80 -5.23 -8.70
CA SER A 96 -6.04 -6.28 -8.03
C SER A 96 -6.98 -7.45 -7.71
N VAL A 97 -6.42 -8.65 -7.65
CA VAL A 97 -7.18 -9.86 -7.33
C VAL A 97 -6.44 -10.42 -6.13
N THR A 98 -7.12 -10.50 -4.99
CA THR A 98 -6.47 -10.93 -3.75
C THR A 98 -7.08 -12.06 -2.91
N GLY A 99 -6.20 -12.77 -2.20
CA GLY A 99 -6.62 -13.86 -1.33
C GLY A 99 -5.99 -13.60 0.04
N TYR A 100 -6.55 -14.12 1.11
CA TYR A 100 -5.98 -13.84 2.41
C TYR A 100 -5.59 -15.10 3.19
N LEU A 101 -4.35 -15.14 3.65
CA LEU A 101 -3.86 -16.28 4.41
C LEU A 101 -4.00 -15.93 5.89
N VAL A 102 -4.59 -16.84 6.63
CA VAL A 102 -4.77 -16.64 8.06
C VAL A 102 -4.04 -17.78 8.79
N ASN A 103 -3.08 -17.46 9.64
CA ASN A 103 -2.38 -18.53 10.39
C ASN A 103 -2.76 -18.29 11.86
N THR A 104 -3.73 -19.06 12.35
CA THR A 104 -4.17 -18.89 13.72
C THR A 104 -3.20 -19.46 14.74
N GLY A 105 -2.09 -20.04 14.28
CA GLY A 105 -1.11 -20.61 15.20
C GLY A 105 -1.52 -21.99 15.64
N SER A 106 -2.54 -22.52 14.97
CA SER A 106 -3.07 -23.83 15.27
C SER A 106 -3.51 -24.38 13.91
N LYS A 107 -4.09 -23.52 13.08
CA LYS A 107 -4.52 -23.90 11.74
C LYS A 107 -4.00 -22.89 10.71
N LEU A 108 -3.72 -23.36 9.50
CA LEU A 108 -3.27 -22.43 8.44
C LEU A 108 -4.41 -22.48 7.44
N VAL A 109 -5.15 -21.37 7.33
CA VAL A 109 -6.30 -21.28 6.42
C VAL A 109 -6.10 -20.22 5.35
N LEU A 110 -6.54 -20.53 4.14
CA LEU A 110 -6.43 -19.60 3.02
C LEU A 110 -7.83 -19.19 2.53
N VAL A 111 -8.08 -17.88 2.46
CA VAL A 111 -9.36 -17.38 2.01
C VAL A 111 -9.24 -16.96 0.54
N ASP A 112 -9.86 -17.75 -0.32
CA ASP A 112 -9.84 -17.55 -1.75
C ASP A 112 -8.45 -17.91 -2.25
N THR A 113 -8.37 -18.37 -3.49
CA THR A 113 -7.09 -18.84 -4.02
C THR A 113 -6.62 -18.21 -5.33
N GLY A 114 -7.35 -17.20 -5.80
CA GLY A 114 -6.97 -16.59 -7.07
C GLY A 114 -7.56 -17.32 -8.28
N ALA A 115 -6.98 -17.05 -9.44
CA ALA A 115 -7.49 -17.62 -10.67
C ALA A 115 -6.69 -18.72 -11.28
N ALA A 116 -5.44 -18.89 -10.85
CA ALA A 116 -4.58 -19.90 -11.45
C ALA A 116 -4.51 -19.43 -12.92
N GLY A 117 -4.89 -20.31 -13.86
CA GLY A 117 -4.87 -19.94 -15.27
C GLY A 117 -6.25 -19.77 -15.87
N LEU A 118 -7.28 -19.53 -15.06
CA LEU A 118 -8.64 -19.39 -15.58
C LEU A 118 -9.06 -17.97 -16.01
N PHE A 119 -8.26 -16.96 -15.68
CA PHE A 119 -8.67 -15.63 -16.04
C PHE A 119 -7.62 -14.71 -16.63
N GLY A 120 -6.90 -15.19 -17.64
CA GLY A 120 -5.92 -14.35 -18.28
C GLY A 120 -4.46 -14.62 -17.92
N PRO A 121 -3.54 -14.11 -18.75
CA PRO A 121 -2.11 -14.30 -18.51
C PRO A 121 -1.57 -13.45 -17.35
N THR A 122 -2.35 -12.46 -16.91
CA THR A 122 -1.89 -11.59 -15.82
C THR A 122 -2.28 -11.96 -14.39
N LEU A 123 -2.86 -13.14 -14.19
CA LEU A 123 -3.23 -13.54 -12.84
C LEU A 123 -2.58 -14.88 -12.47
N GLY A 124 -3.08 -15.54 -11.43
CA GLY A 124 -2.49 -16.80 -11.02
C GLY A 124 -1.13 -16.68 -10.34
N ARG A 125 -0.90 -15.58 -9.63
CA ARG A 125 0.38 -15.42 -8.96
C ARG A 125 0.32 -15.80 -7.48
N LEU A 126 -0.87 -16.14 -6.99
CA LEU A 126 -1.02 -16.49 -5.57
C LEU A 126 -0.08 -17.58 -5.07
N ALA A 127 -0.12 -18.76 -5.70
CA ALA A 127 0.76 -19.86 -5.29
C ALA A 127 2.20 -19.37 -5.06
N ALA A 128 2.74 -18.64 -6.04
CA ALA A 128 4.10 -18.11 -5.96
C ALA A 128 4.25 -17.20 -4.76
N ASN A 129 3.32 -16.27 -4.62
CA ASN A 129 3.36 -15.34 -3.50
C ASN A 129 3.19 -16.06 -2.17
N LEU A 130 2.41 -17.13 -2.16
CA LEU A 130 2.24 -17.88 -0.91
C LEU A 130 3.60 -18.40 -0.49
N LYS A 131 4.33 -19.01 -1.43
CA LYS A 131 5.65 -19.54 -1.12
C LYS A 131 6.61 -18.41 -0.72
N ALA A 132 6.67 -17.36 -1.52
CA ALA A 132 7.56 -16.23 -1.17
C ALA A 132 7.17 -15.70 0.23
N ALA A 133 5.89 -15.87 0.57
CA ALA A 133 5.37 -15.45 1.87
C ALA A 133 5.94 -16.34 2.98
N GLY A 134 6.68 -17.38 2.60
CA GLY A 134 7.27 -18.26 3.60
C GLY A 134 6.51 -19.55 3.90
N TYR A 135 5.43 -19.80 3.18
CA TYR A 135 4.63 -21.00 3.40
C TYR A 135 4.64 -21.93 2.20
N GLN A 136 4.26 -23.18 2.45
CA GLN A 136 4.18 -24.21 1.42
C GLN A 136 2.70 -24.57 1.22
N PRO A 137 2.29 -24.81 -0.04
CA PRO A 137 0.89 -25.16 -0.24
C PRO A 137 0.48 -26.35 0.62
N GLU A 138 1.40 -27.28 0.86
CA GLU A 138 1.10 -28.48 1.66
C GLU A 138 0.77 -28.19 3.11
N GLN A 139 1.16 -27.01 3.58
CA GLN A 139 0.89 -26.67 4.96
C GLN A 139 -0.49 -26.06 5.20
N VAL A 140 -1.20 -25.73 4.14
CA VAL A 140 -2.52 -25.13 4.29
C VAL A 140 -3.52 -26.18 4.80
N ASP A 141 -4.21 -25.89 5.89
CA ASP A 141 -5.16 -26.85 6.43
C ASP A 141 -6.54 -26.74 5.83
N GLU A 142 -6.94 -25.51 5.55
CA GLU A 142 -8.27 -25.30 4.99
C GLU A 142 -8.36 -24.13 4.05
N ILE A 143 -9.26 -24.24 3.10
CA ILE A 143 -9.48 -23.17 2.15
C ILE A 143 -10.93 -22.83 2.24
N TYR A 144 -11.20 -21.54 2.46
CA TYR A 144 -12.55 -21.01 2.56
C TYR A 144 -12.81 -20.19 1.31
N ILE A 145 -13.88 -20.51 0.60
CA ILE A 145 -14.24 -19.81 -0.64
C ILE A 145 -15.35 -18.78 -0.40
N THR A 146 -15.10 -17.51 -0.70
CA THR A 146 -16.14 -16.50 -0.53
C THR A 146 -17.22 -16.87 -1.57
N HIS A 147 -16.80 -17.09 -2.82
CA HIS A 147 -17.72 -17.48 -3.88
C HIS A 147 -16.92 -18.18 -4.96
N MET A 148 -17.61 -18.94 -5.80
CA MET A 148 -16.92 -19.72 -6.84
C MET A 148 -16.67 -19.09 -8.19
N HIS A 149 -16.29 -17.82 -8.22
CA HIS A 149 -15.96 -17.21 -9.49
C HIS A 149 -14.57 -17.69 -9.89
N PRO A 150 -14.24 -17.59 -11.18
CA PRO A 150 -12.93 -18.04 -11.66
C PRO A 150 -11.76 -17.48 -10.86
N ASP A 151 -11.81 -16.18 -10.57
CA ASP A 151 -10.74 -15.50 -9.85
C ASP A 151 -10.71 -15.75 -8.33
N HIS A 152 -11.44 -16.77 -7.89
CA HIS A 152 -11.43 -17.11 -6.49
C HIS A 152 -11.19 -18.59 -6.31
N VAL A 153 -11.62 -19.39 -7.30
CA VAL A 153 -11.44 -20.85 -7.20
C VAL A 153 -10.37 -21.46 -8.10
N GLY A 154 -9.93 -20.73 -9.13
CA GLY A 154 -8.91 -21.27 -10.02
C GLY A 154 -7.66 -21.79 -9.33
N GLY A 155 -7.19 -21.04 -8.34
CA GLY A 155 -5.98 -21.46 -7.61
C GLY A 155 -6.09 -22.79 -6.87
N LEU A 156 -7.30 -23.33 -6.75
CA LEU A 156 -7.48 -24.60 -6.07
C LEU A 156 -6.72 -25.73 -6.79
N MET A 157 -6.57 -25.60 -8.11
CA MET A 157 -5.87 -26.61 -8.93
C MET A 157 -4.60 -26.15 -9.63
N VAL A 158 -3.56 -26.97 -9.55
CA VAL A 158 -2.31 -26.71 -10.24
C VAL A 158 -2.30 -27.80 -11.31
N GLY A 159 -2.95 -27.53 -12.44
CA GLY A 159 -3.04 -28.51 -13.50
C GLY A 159 -4.23 -29.40 -13.16
N GLU A 160 -3.99 -30.70 -13.00
CA GLU A 160 -5.06 -31.62 -12.64
C GLU A 160 -4.76 -32.21 -11.27
N GLN A 161 -3.85 -31.57 -10.54
CA GLN A 161 -3.49 -31.99 -9.19
C GLN A 161 -3.90 -30.96 -8.13
N LEU A 162 -4.33 -31.45 -6.98
CA LEU A 162 -4.74 -30.57 -5.90
C LEU A 162 -3.57 -29.67 -5.58
N ALA A 163 -3.78 -28.36 -5.60
CA ALA A 163 -2.71 -27.43 -5.28
C ALA A 163 -2.46 -27.43 -3.77
N PHE A 164 -3.49 -27.78 -3.00
CA PHE A 164 -3.41 -27.82 -1.54
C PHE A 164 -3.86 -29.23 -1.17
N PRO A 165 -2.96 -30.20 -1.33
CA PRO A 165 -3.17 -31.62 -1.06
C PRO A 165 -3.54 -32.03 0.37
N ASN A 166 -3.33 -31.15 1.34
CA ASN A 166 -3.62 -31.55 2.71
C ASN A 166 -4.67 -30.69 3.38
N ALA A 167 -5.53 -30.10 2.58
CA ALA A 167 -6.55 -29.21 3.09
C ALA A 167 -7.94 -29.62 2.68
N VAL A 168 -8.92 -29.15 3.45
CA VAL A 168 -10.31 -29.41 3.11
C VAL A 168 -10.79 -28.07 2.54
N VAL A 169 -11.72 -28.12 1.59
CA VAL A 169 -12.26 -26.92 0.98
C VAL A 169 -13.64 -26.73 1.57
N ARG A 170 -13.89 -25.52 2.03
CA ARG A 170 -15.16 -25.17 2.68
C ARG A 170 -15.79 -24.02 1.90
N ALA A 171 -17.07 -24.16 1.59
CA ALA A 171 -17.77 -23.11 0.87
C ALA A 171 -19.22 -23.25 1.25
N ASP A 172 -20.02 -22.30 0.83
CA ASP A 172 -21.42 -22.33 1.18
C ASP A 172 -22.24 -23.37 0.36
N GLN A 173 -23.19 -24.04 1.01
CA GLN A 173 -24.00 -25.04 0.32
C GLN A 173 -24.75 -24.48 -0.90
N LYS A 174 -25.35 -23.31 -0.75
CA LYS A 174 -26.04 -22.72 -1.86
C LYS A 174 -25.05 -22.39 -2.98
N GLU A 175 -23.85 -22.00 -2.61
CA GLU A 175 -22.85 -21.66 -3.61
C GLU A 175 -22.58 -22.90 -4.46
N ALA A 176 -22.22 -23.99 -3.80
CA ALA A 176 -21.94 -25.25 -4.47
C ALA A 176 -23.13 -25.80 -5.26
N ASP A 177 -24.33 -25.76 -4.68
CA ASP A 177 -25.51 -26.28 -5.37
C ASP A 177 -25.87 -25.52 -6.64
N PHE A 178 -25.26 -24.35 -6.81
CA PHE A 178 -25.50 -23.50 -7.97
C PHE A 178 -24.48 -23.71 -9.08
N TRP A 179 -23.19 -23.68 -8.71
CA TRP A 179 -22.11 -23.82 -9.68
C TRP A 179 -21.75 -25.24 -10.12
N LEU A 180 -21.87 -26.19 -9.21
CA LEU A 180 -21.53 -27.55 -9.53
C LEU A 180 -22.73 -28.30 -10.15
N SER A 181 -23.80 -27.56 -10.41
CA SER A 181 -25.00 -28.13 -10.99
C SER A 181 -24.85 -28.39 -12.49
N GLN A 182 -24.97 -29.65 -12.89
CA GLN A 182 -24.87 -30.05 -14.30
C GLN A 182 -26.01 -29.35 -15.05
N THR A 183 -27.19 -29.40 -14.45
CA THR A 183 -28.39 -28.79 -15.00
C THR A 183 -28.16 -27.33 -15.36
N ASN A 184 -27.62 -26.56 -14.41
CA ASN A 184 -27.35 -25.13 -14.58
C ASN A 184 -26.35 -24.82 -15.69
N LEU A 185 -25.35 -25.69 -15.83
CA LEU A 185 -24.35 -25.54 -16.87
C LEU A 185 -25.07 -25.68 -18.22
N ASP A 186 -25.61 -26.87 -18.48
CA ASP A 186 -26.33 -27.12 -19.74
C ASP A 186 -27.46 -26.11 -19.94
N LYS A 187 -27.72 -25.31 -18.91
CA LYS A 187 -28.79 -24.30 -18.93
C LYS A 187 -28.22 -22.88 -18.91
N ALA A 188 -26.94 -22.74 -19.25
CA ALA A 188 -26.25 -21.45 -19.23
C ALA A 188 -26.62 -20.47 -20.35
N PRO A 189 -27.03 -19.25 -19.97
CA PRO A 189 -27.44 -18.16 -20.89
C PRO A 189 -26.42 -17.85 -21.99
N ASP A 190 -25.67 -16.75 -21.83
CA ASP A 190 -24.68 -16.36 -22.82
C ASP A 190 -23.64 -17.46 -22.99
N ASP A 191 -24.11 -18.60 -23.51
CA ASP A 191 -23.33 -19.80 -23.78
C ASP A 191 -21.87 -19.51 -24.17
N GLU A 192 -21.03 -20.54 -24.07
CA GLU A 192 -19.60 -20.45 -24.36
C GLU A 192 -18.98 -19.74 -23.16
N SER A 193 -19.54 -18.59 -22.78
CA SER A 193 -19.04 -17.82 -21.64
C SER A 193 -19.65 -18.38 -20.36
N LYS A 194 -19.94 -19.68 -20.40
CA LYS A 194 -20.50 -20.42 -19.27
C LYS A 194 -19.33 -21.28 -18.81
N GLY A 195 -18.14 -20.75 -19.03
CA GLY A 195 -16.93 -21.43 -18.63
C GLY A 195 -16.81 -21.23 -17.13
N PHE A 196 -17.70 -20.41 -16.59
CA PHE A 196 -17.71 -20.17 -15.16
C PHE A 196 -18.14 -21.47 -14.48
N PHE A 197 -19.21 -22.09 -15.01
CA PHE A 197 -19.67 -23.36 -14.43
C PHE A 197 -18.58 -24.40 -14.67
N LYS A 198 -18.07 -24.46 -15.90
CA LYS A 198 -16.99 -25.39 -16.21
C LYS A 198 -15.83 -25.05 -15.27
N GLY A 199 -15.62 -23.75 -15.05
CA GLY A 199 -14.53 -23.30 -14.19
C GLY A 199 -14.65 -23.70 -12.74
N ALA A 200 -15.81 -23.49 -12.14
CA ALA A 200 -16.02 -23.86 -10.76
C ALA A 200 -15.87 -25.37 -10.65
N MET A 201 -16.39 -26.08 -11.66
CA MET A 201 -16.31 -27.54 -11.67
C MET A 201 -14.91 -28.15 -11.69
N ALA A 202 -14.07 -27.71 -12.61
CA ALA A 202 -12.70 -28.23 -12.70
C ALA A 202 -11.90 -27.89 -11.44
N SER A 203 -12.31 -26.83 -10.76
CA SER A 203 -11.62 -26.38 -9.56
C SER A 203 -12.05 -27.14 -8.33
N LEU A 204 -13.36 -27.37 -8.17
CA LEU A 204 -13.84 -28.06 -6.97
C LEU A 204 -14.11 -29.56 -7.02
N ASN A 205 -14.53 -30.08 -8.16
CA ASN A 205 -14.83 -31.49 -8.24
C ASN A 205 -13.67 -32.37 -7.78
N PRO A 206 -12.44 -32.04 -8.19
CA PRO A 206 -11.34 -32.90 -7.73
C PRO A 206 -11.31 -33.08 -6.20
N TYR A 207 -11.56 -32.00 -5.45
CA TYR A 207 -11.57 -32.12 -4.00
C TYR A 207 -12.81 -32.88 -3.56
N VAL A 208 -13.91 -32.67 -4.27
CA VAL A 208 -15.15 -33.35 -3.92
C VAL A 208 -14.94 -34.86 -4.00
N LYS A 209 -14.33 -35.30 -5.10
CA LYS A 209 -14.06 -36.72 -5.31
C LYS A 209 -13.00 -37.25 -4.33
N ALA A 210 -12.17 -36.37 -3.78
CA ALA A 210 -11.15 -36.80 -2.84
C ALA A 210 -11.73 -36.76 -1.43
N GLY A 211 -13.01 -36.40 -1.35
CA GLY A 211 -13.70 -36.32 -0.07
C GLY A 211 -13.21 -35.17 0.80
N LYS A 212 -12.77 -34.09 0.16
CA LYS A 212 -12.26 -32.94 0.90
C LYS A 212 -13.13 -31.69 0.81
N PHE A 213 -14.30 -31.82 0.22
CA PHE A 213 -15.19 -30.67 0.17
C PHE A 213 -16.23 -30.78 1.29
N LYS A 214 -16.21 -29.82 2.20
CA LYS A 214 -17.14 -29.79 3.32
C LYS A 214 -17.93 -28.49 3.35
N PRO A 215 -19.06 -28.44 2.62
CA PRO A 215 -19.90 -27.24 2.56
C PRO A 215 -20.55 -26.95 3.90
N PHE A 216 -20.90 -25.70 4.14
CA PHE A 216 -21.55 -25.31 5.38
C PHE A 216 -22.78 -24.52 4.97
N SER A 217 -23.64 -24.23 5.92
CA SER A 217 -24.86 -23.51 5.61
C SER A 217 -24.90 -22.16 6.32
N GLY A 218 -24.84 -21.08 5.53
CA GLY A 218 -24.89 -19.73 6.07
C GLY A 218 -23.95 -19.47 7.24
N ASN A 219 -24.42 -18.66 8.19
CA ASN A 219 -23.63 -18.33 9.37
C ASN A 219 -23.14 -19.62 10.05
N THR A 220 -21.83 -19.79 10.13
CA THR A 220 -21.26 -21.00 10.68
C THR A 220 -19.92 -20.80 11.40
N ASP A 221 -19.74 -21.50 12.50
CA ASP A 221 -18.47 -21.46 13.21
C ASP A 221 -17.57 -22.35 12.43
N LEU A 222 -16.39 -21.86 12.08
CA LEU A 222 -15.46 -22.70 11.36
C LEU A 222 -14.32 -22.98 12.36
N VAL A 223 -13.11 -23.01 11.86
CA VAL A 223 -11.97 -23.23 12.72
C VAL A 223 -11.98 -22.14 13.81
N PRO A 224 -11.47 -22.44 15.03
CA PRO A 224 -11.49 -21.38 16.06
C PRO A 224 -10.84 -20.08 15.60
N GLY A 225 -11.55 -18.98 15.83
CA GLY A 225 -11.07 -17.67 15.45
C GLY A 225 -11.65 -17.15 14.13
N ILE A 226 -12.28 -18.04 13.34
CA ILE A 226 -12.85 -17.64 12.04
C ILE A 226 -14.29 -18.07 11.90
N LYS A 227 -15.11 -17.19 11.34
CA LYS A 227 -16.51 -17.52 11.18
C LYS A 227 -17.05 -17.03 9.86
N ALA A 228 -17.86 -17.85 9.21
CA ALA A 228 -18.47 -17.50 7.94
C ALA A 228 -19.77 -16.79 8.24
N LEU A 229 -20.04 -15.73 7.48
CA LEU A 229 -21.27 -14.96 7.61
C LEU A 229 -21.85 -14.94 6.21
N ALA A 230 -23.12 -15.31 6.10
CA ALA A 230 -23.76 -15.36 4.79
C ALA A 230 -23.98 -13.95 4.26
N SER A 231 -23.26 -13.58 3.22
CA SER A 231 -23.45 -12.24 2.65
C SER A 231 -23.88 -12.44 1.21
N HIS A 232 -25.00 -13.16 1.03
CA HIS A 232 -25.50 -13.48 -0.31
C HIS A 232 -26.01 -12.34 -1.15
N GLY A 233 -25.86 -12.51 -2.46
CA GLY A 233 -26.26 -11.50 -3.42
C GLY A 233 -25.33 -11.46 -4.61
N HIS A 234 -24.03 -11.27 -4.39
CA HIS A 234 -23.09 -11.22 -5.50
C HIS A 234 -23.31 -12.53 -6.23
N THR A 235 -23.48 -13.59 -5.44
CA THR A 235 -23.76 -14.94 -5.96
C THR A 235 -24.72 -15.56 -4.93
N PRO A 236 -25.43 -16.64 -5.30
CA PRO A 236 -26.38 -17.30 -4.40
C PRO A 236 -25.88 -17.68 -3.01
N GLY A 237 -24.59 -17.97 -2.87
CA GLY A 237 -24.09 -18.32 -1.55
C GLY A 237 -22.82 -17.56 -1.18
N HIS A 238 -22.70 -16.33 -1.66
CA HIS A 238 -21.51 -15.53 -1.38
C HIS A 238 -21.34 -15.47 0.13
N THR A 239 -20.11 -15.69 0.58
CA THR A 239 -19.84 -15.71 2.01
C THR A 239 -18.73 -14.80 2.50
N THR A 240 -18.97 -14.17 3.65
CA THR A 240 -17.97 -13.31 4.27
C THR A 240 -17.30 -14.15 5.36
N TYR A 241 -15.99 -13.99 5.54
CA TYR A 241 -15.30 -14.74 6.58
C TYR A 241 -14.75 -13.74 7.60
N VAL A 242 -15.32 -13.74 8.81
CA VAL A 242 -14.88 -12.82 9.86
C VAL A 242 -13.78 -13.47 10.70
N VAL A 243 -12.62 -12.81 10.74
CA VAL A 243 -11.48 -13.30 11.51
C VAL A 243 -11.31 -12.45 12.77
N GLU A 244 -11.11 -13.11 13.91
CA GLU A 244 -10.95 -12.34 15.13
C GLU A 244 -10.07 -13.02 16.17
N SER A 245 -9.15 -12.24 16.72
CA SER A 245 -8.24 -12.70 17.77
C SER A 245 -7.97 -11.57 18.76
N GLN A 246 -8.12 -11.85 20.05
CA GLN A 246 -7.89 -10.87 21.11
C GLN A 246 -8.71 -9.61 20.92
N GLY A 247 -9.94 -9.74 20.44
CA GLY A 247 -10.79 -8.58 20.24
C GLY A 247 -10.46 -7.75 19.00
N GLN A 248 -9.55 -8.27 18.19
CA GLN A 248 -9.12 -7.61 16.96
C GLN A 248 -9.82 -8.34 15.82
N LYS A 249 -10.70 -7.63 15.12
CA LYS A 249 -11.46 -8.25 14.04
C LYS A 249 -11.06 -7.82 12.61
N LEU A 250 -11.29 -8.72 11.66
CA LEU A 250 -11.01 -8.45 10.24
C LEU A 250 -12.05 -9.21 9.46
N ALA A 251 -12.96 -8.47 8.83
CA ALA A 251 -14.00 -9.09 8.03
C ALA A 251 -13.51 -9.25 6.59
N LEU A 252 -13.37 -10.50 6.15
CA LEU A 252 -12.92 -10.75 4.79
C LEU A 252 -14.18 -10.80 3.89
N LEU A 253 -14.43 -9.65 3.24
CA LEU A 253 -15.59 -9.41 2.37
C LEU A 253 -15.74 -10.04 0.98
N GLY A 254 -14.75 -10.75 0.48
CA GLY A 254 -14.87 -11.33 -0.84
C GLY A 254 -15.13 -10.26 -1.92
N ASP A 255 -16.17 -10.44 -2.73
CA ASP A 255 -16.50 -9.48 -3.78
C ASP A 255 -17.74 -8.70 -3.30
N LEU A 256 -17.91 -8.55 -2.00
CA LEU A 256 -19.08 -7.81 -1.52
C LEU A 256 -19.07 -6.38 -2.09
N ILE A 257 -17.86 -5.89 -2.42
CA ILE A 257 -17.66 -4.59 -3.04
C ILE A 257 -16.63 -4.79 -4.14
N LEU A 258 -16.91 -4.23 -5.32
CA LEU A 258 -16.05 -4.39 -6.50
C LEU A 258 -15.26 -3.15 -6.99
N VAL A 259 -15.82 -1.95 -6.85
CA VAL A 259 -15.16 -0.73 -7.35
C VAL A 259 -15.13 0.32 -6.25
N ALA A 260 -13.96 0.44 -5.63
CA ALA A 260 -13.74 1.37 -4.53
C ALA A 260 -14.13 2.81 -4.88
N ALA A 261 -13.85 3.20 -6.12
CA ALA A 261 -14.14 4.56 -6.57
C ALA A 261 -15.62 4.97 -6.50
N VAL A 262 -16.54 4.01 -6.45
CA VAL A 262 -17.97 4.38 -6.37
C VAL A 262 -18.76 3.68 -5.29
N GLN A 263 -18.41 2.43 -5.00
CA GLN A 263 -19.19 1.72 -4.00
C GLN A 263 -18.98 2.03 -2.52
N PHE A 264 -18.02 2.90 -2.19
CA PHE A 264 -17.86 3.30 -0.80
C PHE A 264 -18.73 4.55 -0.62
N ASP A 265 -18.65 5.46 -1.59
CA ASP A 265 -19.43 6.68 -1.54
C ASP A 265 -20.89 6.34 -1.76
N ASP A 266 -21.19 5.48 -2.73
CA ASP A 266 -22.59 5.05 -2.91
C ASP A 266 -22.69 3.53 -2.83
N PRO A 267 -22.89 3.01 -1.61
CA PRO A 267 -23.01 1.59 -1.28
C PRO A 267 -24.14 0.84 -2.01
N SER A 268 -25.17 1.54 -2.46
CA SER A 268 -26.28 0.85 -3.14
C SER A 268 -26.10 0.62 -4.63
N VAL A 269 -25.06 1.19 -5.22
CA VAL A 269 -24.81 0.98 -6.63
C VAL A 269 -24.29 -0.43 -6.82
N THR A 270 -24.95 -1.20 -7.67
CA THR A 270 -24.57 -2.58 -7.93
C THR A 270 -24.05 -2.78 -9.35
N THR A 271 -23.86 -4.04 -9.74
CA THR A 271 -23.35 -4.34 -11.07
C THR A 271 -24.09 -5.47 -11.75
N GLN A 272 -23.88 -5.55 -13.06
CA GLN A 272 -24.46 -6.57 -13.92
C GLN A 272 -23.83 -7.94 -13.57
N LEU A 273 -22.87 -7.93 -12.66
CA LEU A 273 -22.19 -9.16 -12.27
C LEU A 273 -22.82 -9.78 -11.02
N ASP A 274 -23.72 -9.03 -10.37
CA ASP A 274 -24.39 -9.49 -9.16
C ASP A 274 -25.68 -10.24 -9.45
N SER A 275 -25.95 -11.28 -8.65
CA SER A 275 -27.15 -12.10 -8.81
C SER A 275 -28.40 -11.38 -8.32
N ASP A 276 -28.39 -10.96 -7.06
CA ASP A 276 -29.52 -10.24 -6.49
C ASP A 276 -29.02 -8.84 -6.15
N SER A 277 -29.24 -7.89 -7.05
CA SER A 277 -28.79 -6.52 -6.84
C SER A 277 -29.18 -5.96 -5.48
N LYS A 278 -30.43 -6.17 -5.09
CA LYS A 278 -30.90 -5.65 -3.83
C LYS A 278 -30.29 -6.41 -2.63
N SER A 279 -29.97 -7.68 -2.83
CA SER A 279 -29.38 -8.45 -1.74
C SER A 279 -27.98 -7.94 -1.54
N VAL A 280 -27.27 -7.75 -2.64
CA VAL A 280 -25.90 -7.27 -2.54
C VAL A 280 -25.95 -5.91 -1.83
N ALA A 281 -26.83 -5.02 -2.27
CA ALA A 281 -26.93 -3.71 -1.66
C ALA A 281 -27.20 -3.79 -0.16
N VAL A 282 -28.21 -4.57 0.23
CA VAL A 282 -28.51 -4.70 1.64
C VAL A 282 -27.30 -5.24 2.42
N GLU A 283 -26.69 -6.32 1.93
CA GLU A 283 -25.56 -6.89 2.66
C GLU A 283 -24.36 -5.94 2.72
N ARG A 284 -24.06 -5.23 1.63
CA ARG A 284 -22.93 -4.29 1.64
C ARG A 284 -23.14 -3.23 2.71
N LYS A 285 -24.33 -2.62 2.72
CA LYS A 285 -24.65 -1.59 3.71
C LYS A 285 -24.54 -2.10 5.15
N LYS A 286 -24.92 -3.37 5.34
CA LYS A 286 -24.87 -4.00 6.66
C LYS A 286 -23.40 -4.17 7.05
N ALA A 287 -22.59 -4.68 6.13
CA ALA A 287 -21.17 -4.89 6.40
C ALA A 287 -20.49 -3.58 6.70
N PHE A 288 -20.78 -2.56 5.90
CA PHE A 288 -20.12 -1.28 6.13
C PHE A 288 -20.59 -0.64 7.43
N ALA A 289 -21.90 -0.59 7.64
CA ALA A 289 -22.45 -0.03 8.87
C ALA A 289 -21.80 -0.67 10.10
N ASP A 290 -21.78 -2.00 10.10
CA ASP A 290 -21.21 -2.72 11.24
C ASP A 290 -19.72 -2.44 11.50
N ALA A 291 -18.91 -2.50 10.46
CA ALA A 291 -17.49 -2.25 10.60
C ALA A 291 -17.23 -0.79 10.96
N ALA A 292 -18.11 0.10 10.52
CA ALA A 292 -17.95 1.51 10.83
C ALA A 292 -18.29 1.68 12.30
N LYS A 293 -19.37 1.03 12.72
CA LYS A 293 -19.79 1.13 14.13
C LYS A 293 -18.72 0.55 15.03
N GLY A 294 -18.19 -0.61 14.64
CA GLY A 294 -17.20 -1.28 15.46
C GLY A 294 -15.77 -0.84 15.28
N GLY A 295 -15.50 -0.06 14.26
CA GLY A 295 -14.14 0.39 14.03
C GLY A 295 -13.12 -0.73 13.78
N TYR A 296 -13.55 -1.86 13.23
CA TYR A 296 -12.59 -2.92 12.94
C TYR A 296 -12.26 -2.95 11.46
N LEU A 297 -11.32 -3.82 11.08
CA LEU A 297 -10.86 -3.93 9.70
C LEU A 297 -11.71 -4.78 8.72
N ILE A 298 -11.62 -4.42 7.44
CA ILE A 298 -12.30 -5.15 6.38
C ILE A 298 -11.27 -5.28 5.26
N ALA A 299 -11.49 -6.22 4.36
CA ALA A 299 -10.62 -6.43 3.23
C ALA A 299 -11.55 -6.96 2.17
N ALA A 300 -11.17 -6.83 0.92
CA ALA A 300 -11.97 -7.34 -0.18
C ALA A 300 -11.00 -7.73 -1.28
N SER A 301 -11.42 -8.68 -2.11
CA SER A 301 -10.55 -9.18 -3.17
C SER A 301 -10.14 -8.18 -4.24
N HIS A 302 -10.88 -7.09 -4.40
CA HIS A 302 -10.54 -6.14 -5.45
C HIS A 302 -10.26 -4.70 -5.08
N LEU A 303 -9.99 -4.44 -3.80
CA LEU A 303 -9.62 -3.12 -3.32
C LEU A 303 -8.12 -3.14 -3.61
N SER A 304 -7.50 -1.98 -3.83
CA SER A 304 -6.07 -1.94 -4.15
C SER A 304 -5.28 -2.80 -3.16
N PHE A 305 -4.52 -3.75 -3.68
CA PHE A 305 -3.72 -4.66 -2.85
C PHE A 305 -2.90 -3.83 -1.85
N PRO A 306 -2.80 -4.27 -0.59
CA PRO A 306 -3.32 -5.47 0.09
C PRO A 306 -4.84 -5.43 0.28
N GLY A 307 -5.43 -4.26 0.07
CA GLY A 307 -6.88 -4.16 0.19
C GLY A 307 -7.47 -4.27 1.58
N ILE A 308 -6.69 -3.92 2.59
CA ILE A 308 -7.13 -3.96 3.98
C ILE A 308 -7.23 -2.51 4.49
N GLY A 309 -8.26 -2.24 5.30
CA GLY A 309 -8.42 -0.91 5.85
C GLY A 309 -9.64 -0.75 6.76
N HIS A 310 -9.75 0.40 7.43
CA HIS A 310 -10.92 0.63 8.28
C HIS A 310 -11.95 1.37 7.44
N ILE A 311 -13.13 1.58 8.01
CA ILE A 311 -14.17 2.30 7.31
C ILE A 311 -14.98 3.19 8.24
N ARG A 312 -15.14 4.45 7.86
CA ARG A 312 -15.91 5.39 8.66
C ARG A 312 -17.04 5.99 7.81
N ALA A 313 -18.07 6.48 8.50
CA ALA A 313 -19.21 7.11 7.84
C ALA A 313 -18.76 8.44 7.23
N GLU A 314 -19.35 8.80 6.10
CA GLU A 314 -18.99 10.05 5.42
C GLU A 314 -20.20 10.51 4.62
N GLY A 315 -20.93 11.47 5.19
CA GLY A 315 -22.12 12.00 4.52
C GLY A 315 -23.03 10.95 3.89
N LYS A 316 -23.03 10.90 2.57
CA LYS A 316 -23.87 9.96 1.84
C LYS A 316 -23.55 8.50 2.18
N GLY A 317 -22.26 8.16 2.17
CA GLY A 317 -21.89 6.79 2.45
C GLY A 317 -20.74 6.53 3.39
N TYR A 318 -19.64 6.02 2.85
CA TYR A 318 -18.49 5.68 3.68
C TYR A 318 -17.15 6.09 3.10
N ARG A 319 -16.16 6.17 3.99
CA ARG A 319 -14.82 6.51 3.56
C ARG A 319 -13.96 5.32 3.95
N PHE A 320 -13.28 4.73 2.97
CA PHE A 320 -12.41 3.58 3.23
C PHE A 320 -11.03 4.10 3.65
N VAL A 321 -10.49 3.58 4.74
CA VAL A 321 -9.18 4.01 5.19
C VAL A 321 -8.17 2.88 5.24
N PRO A 322 -7.29 2.81 4.23
CA PRO A 322 -6.24 1.79 4.09
C PRO A 322 -5.42 1.62 5.38
N VAL A 323 -4.93 0.42 5.66
CA VAL A 323 -4.13 0.26 6.87
C VAL A 323 -2.83 0.99 6.73
N ASN A 324 -2.46 1.67 7.81
CA ASN A 324 -1.22 2.41 7.90
C ASN A 324 -0.12 1.35 7.74
N TYR A 325 0.96 1.69 7.04
CA TYR A 325 2.05 0.74 6.86
C TYR A 325 2.64 0.38 8.21
N SER A 326 2.90 -0.90 8.44
CA SER A 326 3.44 -1.35 9.73
C SER A 326 4.32 -2.58 9.58
N VAL A 327 5.54 -2.48 10.10
CA VAL A 327 6.52 -3.56 10.04
C VAL A 327 6.25 -4.69 11.02
N VAL A 328 6.42 -5.92 10.55
CA VAL A 328 6.21 -7.09 11.39
C VAL A 328 7.56 -7.76 11.56
N ASN A 329 7.98 -8.01 12.80
CA ASN A 329 9.27 -8.67 13.05
C ASN A 329 9.05 -10.06 13.66
N ALA B 36 -0.68 -27.32 8.80
CA ALA B 36 -0.46 -26.16 9.71
C ALA B 36 1.01 -25.76 9.61
N ALA B 37 1.40 -24.70 10.31
CA ALA B 37 2.79 -24.25 10.26
C ALA B 37 3.06 -23.11 11.25
N PRO B 38 4.33 -22.95 11.70
CA PRO B 38 4.64 -21.86 12.65
C PRO B 38 4.43 -20.54 11.92
N GLN B 39 3.98 -19.50 12.62
CA GLN B 39 3.79 -18.21 11.96
C GLN B 39 5.17 -17.69 11.57
N VAL B 40 5.27 -17.15 10.35
CA VAL B 40 6.53 -16.61 9.86
C VAL B 40 6.78 -15.24 10.50
N ARG B 41 5.83 -14.34 10.34
CA ARG B 41 5.95 -13.01 10.93
C ARG B 41 7.08 -12.11 10.47
N THR B 42 7.24 -11.98 9.16
CA THR B 42 8.24 -11.07 8.62
C THR B 42 7.52 -10.30 7.52
N SER B 43 7.82 -9.01 7.40
CA SER B 43 7.18 -8.21 6.37
C SER B 43 7.86 -8.50 5.04
N ALA B 44 7.23 -8.15 3.93
CA ALA B 44 7.84 -8.39 2.63
C ALA B 44 8.97 -7.40 2.47
N PRO B 45 9.86 -7.61 1.48
CA PRO B 45 10.96 -6.65 1.30
C PRO B 45 10.31 -5.27 1.15
N GLY B 46 10.94 -4.26 1.72
CA GLY B 46 10.36 -2.92 1.66
C GLY B 46 10.68 -2.13 0.41
N TYR B 47 10.18 -2.57 -0.74
CA TYR B 47 10.41 -1.80 -1.98
C TYR B 47 9.16 -1.86 -2.84
N TYR B 48 8.79 -0.71 -3.40
CA TYR B 48 7.59 -0.61 -4.20
C TYR B 48 7.95 -0.07 -5.59
N ARG B 49 7.68 -0.87 -6.63
CA ARG B 49 7.94 -0.52 -8.03
C ARG B 49 6.82 0.28 -8.68
N MET B 50 7.18 1.29 -9.45
CA MET B 50 6.22 2.12 -10.18
C MET B 50 6.87 2.77 -11.37
N LEU B 51 6.20 2.73 -12.52
CA LEU B 51 6.77 3.33 -13.74
C LEU B 51 6.25 4.73 -13.91
N LEU B 52 7.10 5.59 -14.45
CA LEU B 52 6.72 6.99 -14.69
C LEU B 52 7.35 7.28 -16.05
N GLY B 53 6.53 7.29 -17.11
CA GLY B 53 7.06 7.54 -18.44
C GLY B 53 8.04 6.40 -18.67
N ASP B 54 9.23 6.75 -19.14
CA ASP B 54 10.28 5.76 -19.39
C ASP B 54 11.16 5.60 -18.15
N PHE B 55 10.72 6.14 -17.02
CA PHE B 55 11.52 6.03 -15.80
C PHE B 55 10.98 4.95 -14.89
N GLU B 56 11.86 4.45 -14.05
CA GLU B 56 11.49 3.44 -13.09
C GLU B 56 11.66 4.09 -11.71
N ILE B 57 10.60 4.05 -10.90
CA ILE B 57 10.66 4.61 -9.56
C ILE B 57 10.52 3.45 -8.60
N THR B 58 11.41 3.39 -7.62
CA THR B 58 11.36 2.35 -6.59
C THR B 58 11.41 3.03 -5.24
N ALA B 59 10.27 3.07 -4.55
CA ALA B 59 10.22 3.65 -3.22
C ALA B 59 10.99 2.66 -2.33
N LEU B 60 11.92 3.17 -1.53
CA LEU B 60 12.71 2.32 -0.63
C LEU B 60 12.42 2.62 0.83
N SER B 61 11.77 1.67 1.49
CA SER B 61 11.44 1.86 2.90
C SER B 61 12.70 1.71 3.77
N ASP B 62 12.91 2.63 4.69
CA ASP B 62 14.05 2.50 5.58
C ASP B 62 13.58 1.91 6.90
N GLY B 63 12.30 1.54 6.98
CA GLY B 63 11.73 1.01 8.21
C GLY B 63 10.67 1.99 8.72
N THR B 64 10.35 1.91 10.01
CA THR B 64 9.38 2.82 10.62
C THR B 64 9.84 3.18 12.03
N VAL B 65 9.30 4.27 12.57
CA VAL B 65 9.61 4.71 13.93
C VAL B 65 8.35 5.31 14.51
N ALA B 66 8.20 5.20 15.83
CA ALA B 66 7.02 5.75 16.47
C ALA B 66 7.32 7.22 16.75
N LEU B 67 6.31 8.06 16.55
CA LEU B 67 6.46 9.48 16.78
C LEU B 67 5.39 9.99 17.75
N PRO B 68 5.83 10.74 18.77
CA PRO B 68 4.93 11.30 19.77
C PRO B 68 4.23 12.52 19.14
N VAL B 69 3.60 12.24 18.00
CA VAL B 69 2.90 13.23 17.21
C VAL B 69 2.05 14.27 17.93
N ASP B 70 1.30 13.88 18.95
CA ASP B 70 0.47 14.87 19.64
C ASP B 70 1.31 15.94 20.35
N LYS B 71 2.58 15.61 20.65
CA LYS B 71 3.49 16.54 21.32
C LYS B 71 4.21 17.46 20.31
N ARG B 72 4.36 16.95 19.09
CA ARG B 72 5.05 17.66 18.00
C ARG B 72 4.22 18.78 17.36
N LEU B 73 3.00 18.44 16.95
CA LEU B 73 2.13 19.40 16.28
C LEU B 73 1.90 20.64 17.11
N ASN B 74 1.89 21.80 16.45
CA ASN B 74 1.68 23.08 17.14
C ASN B 74 0.22 23.47 17.25
N GLN B 75 -0.56 22.61 17.88
CA GLN B 75 -1.98 22.82 18.10
C GLN B 75 -2.25 22.02 19.39
N PRO B 76 -3.32 22.36 20.11
CA PRO B 76 -3.59 21.59 21.34
C PRO B 76 -3.68 20.08 21.13
N ALA B 77 -3.04 19.34 22.04
CA ALA B 77 -3.01 17.89 22.00
C ALA B 77 -4.35 17.20 21.74
N PRO B 78 -5.43 17.65 22.38
CA PRO B 78 -6.74 17.02 22.17
C PRO B 78 -7.15 17.06 20.70
N LYS B 79 -6.87 18.20 20.06
CA LYS B 79 -7.19 18.41 18.64
C LYS B 79 -6.46 17.39 17.77
N THR B 80 -5.15 17.28 17.99
CA THR B 80 -4.33 16.34 17.25
C THR B 80 -4.87 14.92 17.46
N GLN B 81 -5.10 14.58 18.72
CA GLN B 81 -5.60 13.27 19.11
C GLN B 81 -6.94 12.95 18.47
N SER B 82 -7.76 13.98 18.28
CA SER B 82 -9.06 13.76 17.66
C SER B 82 -8.90 13.50 16.14
N ALA B 83 -7.98 14.23 15.51
CA ALA B 83 -7.73 14.05 14.08
C ALA B 83 -7.17 12.66 13.82
N LEU B 84 -6.26 12.20 14.67
CA LEU B 84 -5.67 10.86 14.50
C LEU B 84 -6.78 9.81 14.60
N ALA B 85 -7.66 9.99 15.58
CA ALA B 85 -8.77 9.06 15.82
C ALA B 85 -9.67 8.93 14.61
N LYS B 86 -10.02 10.05 14.00
CA LYS B 86 -10.90 10.02 12.83
C LYS B 86 -10.27 9.17 11.75
N SER B 87 -8.95 9.01 11.83
CA SER B 87 -8.19 8.19 10.89
C SER B 87 -7.81 6.84 11.50
N PHE B 88 -8.53 6.42 12.54
CA PHE B 88 -8.27 5.13 13.19
C PHE B 88 -6.84 4.97 13.65
N GLN B 89 -6.22 6.04 14.10
CA GLN B 89 -4.85 5.97 14.57
C GLN B 89 -4.72 6.52 15.99
N LYS B 90 -3.54 6.32 16.57
CA LYS B 90 -3.22 6.85 17.89
C LYS B 90 -1.70 7.05 18.08
N ALA B 91 -1.32 8.07 18.84
CA ALA B 91 0.09 8.36 19.11
C ALA B 91 0.53 7.65 20.39
N PRO B 92 1.79 7.19 20.50
CA PRO B 92 2.90 7.27 19.51
C PRO B 92 2.50 6.54 18.24
N LEU B 93 2.67 7.24 17.12
CA LEU B 93 2.25 6.76 15.83
C LEU B 93 3.37 6.16 14.96
N GLU B 94 3.14 4.93 14.50
CA GLU B 94 4.13 4.28 13.66
C GLU B 94 4.14 5.09 12.37
N THR B 95 5.30 5.70 12.08
CA THR B 95 5.44 6.56 10.91
C THR B 95 6.52 6.06 9.96
N SER B 96 6.18 6.03 8.68
CA SER B 96 7.13 5.58 7.66
C SER B 96 8.28 6.55 7.42
N VAL B 97 9.39 5.99 6.96
CA VAL B 97 10.59 6.76 6.61
C VAL B 97 10.96 6.11 5.29
N THR B 98 10.88 6.89 4.21
CA THR B 98 11.11 6.35 2.86
C THR B 98 12.11 7.13 1.99
N GLY B 99 12.79 6.43 1.10
CA GLY B 99 13.73 7.05 0.19
C GLY B 99 13.28 6.66 -1.21
N TYR B 100 13.64 7.42 -2.24
CA TYR B 100 13.16 7.08 -3.58
C TYR B 100 14.25 6.92 -4.62
N LEU B 101 14.27 5.74 -5.22
CA LEU B 101 15.25 5.41 -6.25
C LEU B 101 14.64 5.74 -7.62
N VAL B 102 15.39 6.44 -8.47
CA VAL B 102 14.88 6.77 -9.80
C VAL B 102 15.89 6.35 -10.84
N ASN B 103 15.48 5.44 -11.72
CA ASN B 103 16.35 4.98 -12.79
C ASN B 103 15.85 5.71 -14.02
N THR B 104 16.69 6.60 -14.55
CA THR B 104 16.32 7.39 -15.72
C THR B 104 16.78 6.70 -17.00
N GLY B 105 17.37 5.53 -16.86
CA GLY B 105 17.87 4.84 -18.04
C GLY B 105 19.35 5.12 -18.14
N SER B 106 19.72 6.38 -18.22
CA SER B 106 21.12 6.72 -18.31
C SER B 106 21.69 7.01 -16.92
N LYS B 107 20.80 7.20 -15.95
CA LYS B 107 21.22 7.52 -14.59
C LYS B 107 20.39 6.82 -13.52
N LEU B 108 21.05 6.49 -12.40
CA LEU B 108 20.38 5.88 -11.26
C LEU B 108 20.63 6.84 -10.11
N VAL B 109 19.57 7.50 -9.63
CA VAL B 109 19.76 8.46 -8.54
C VAL B 109 18.91 8.10 -7.33
N LEU B 110 19.41 8.43 -6.15
CA LEU B 110 18.71 8.15 -4.92
C LEU B 110 18.32 9.45 -4.25
N VAL B 111 17.03 9.60 -4.01
CA VAL B 111 16.53 10.77 -3.34
C VAL B 111 16.27 10.35 -1.88
N ASP B 112 17.06 10.93 -0.98
CA ASP B 112 17.08 10.67 0.45
C ASP B 112 17.60 9.26 0.66
N THR B 113 18.13 9.00 1.85
CA THR B 113 18.76 7.72 2.11
C THR B 113 18.41 7.04 3.42
N GLY B 114 17.42 7.55 4.15
CA GLY B 114 17.10 6.91 5.41
C GLY B 114 18.08 7.33 6.50
N ALA B 115 17.94 6.71 7.66
CA ALA B 115 18.73 7.04 8.84
C ALA B 115 19.95 6.19 9.23
N ALA B 116 20.24 5.11 8.50
CA ALA B 116 21.34 4.23 8.91
C ALA B 116 21.01 3.92 10.37
N GLY B 117 21.94 4.19 11.29
CA GLY B 117 21.68 3.90 12.69
C GLY B 117 21.27 5.10 13.53
N LEU B 118 21.52 6.30 13.02
CA LEU B 118 21.23 7.54 13.72
C LEU B 118 19.87 7.68 14.43
N PHE B 119 18.90 6.80 14.16
CA PHE B 119 17.61 6.96 14.84
C PHE B 119 17.09 5.73 15.55
N GLY B 120 17.95 4.80 15.90
CA GLY B 120 17.47 3.62 16.59
C GLY B 120 17.36 2.42 15.65
N PRO B 121 17.27 1.20 16.19
CA PRO B 121 17.17 -0.10 15.49
C PRO B 121 15.98 -0.36 14.57
N THR B 122 14.97 0.51 14.56
CA THR B 122 13.83 0.24 13.71
C THR B 122 14.01 0.79 12.30
N LEU B 123 15.13 1.45 12.04
CA LEU B 123 15.35 2.00 10.71
C LEU B 123 16.62 1.44 10.11
N GLY B 124 17.20 2.18 9.16
CA GLY B 124 18.41 1.74 8.50
C GLY B 124 18.22 0.56 7.54
N ARG B 125 17.02 0.36 7.02
CA ARG B 125 16.85 -0.78 6.11
C ARG B 125 16.88 -0.39 4.63
N LEU B 126 17.03 0.91 4.34
CA LEU B 126 17.04 1.32 2.93
C LEU B 126 18.12 0.59 2.13
N ALA B 127 19.30 0.44 2.71
CA ALA B 127 20.40 -0.24 2.04
C ALA B 127 19.92 -1.63 1.64
N ALA B 128 19.53 -2.43 2.63
CA ALA B 128 19.05 -3.79 2.42
C ALA B 128 17.92 -3.83 1.38
N ASN B 129 16.96 -2.90 1.49
CA ASN B 129 15.84 -2.88 0.55
C ASN B 129 16.27 -2.53 -0.89
N LEU B 130 17.32 -1.72 -1.02
CA LEU B 130 17.81 -1.34 -2.34
C LEU B 130 18.30 -2.59 -3.05
N LYS B 131 19.03 -3.42 -2.31
CA LYS B 131 19.56 -4.66 -2.84
C LYS B 131 18.39 -5.60 -3.12
N ALA B 132 17.40 -5.64 -2.22
CA ALA B 132 16.23 -6.48 -2.46
C ALA B 132 15.59 -6.02 -3.77
N ALA B 133 15.67 -4.71 -4.03
CA ALA B 133 15.08 -4.14 -5.24
C ALA B 133 15.89 -4.50 -6.47
N GLY B 134 16.93 -5.29 -6.28
CA GLY B 134 17.74 -5.70 -7.40
C GLY B 134 18.81 -4.72 -7.86
N TYR B 135 19.20 -3.79 -7.00
CA TYR B 135 20.25 -2.84 -7.35
C TYR B 135 21.36 -2.98 -6.33
N GLN B 136 22.53 -2.44 -6.65
CA GLN B 136 23.66 -2.49 -5.74
C GLN B 136 24.06 -1.05 -5.44
N PRO B 137 24.37 -0.73 -4.17
CA PRO B 137 24.76 0.63 -3.77
C PRO B 137 25.77 1.28 -4.73
N GLU B 138 26.73 0.48 -5.18
CA GLU B 138 27.78 0.99 -6.07
C GLU B 138 27.27 1.41 -7.42
N GLN B 139 26.01 1.14 -7.73
CA GLN B 139 25.46 1.55 -9.03
C GLN B 139 24.79 2.91 -9.00
N VAL B 140 24.55 3.44 -7.80
CA VAL B 140 23.93 4.74 -7.68
C VAL B 140 24.89 5.84 -8.16
N ASP B 141 24.41 6.65 -9.10
CA ASP B 141 25.20 7.74 -9.66
C ASP B 141 25.12 9.03 -8.86
N GLU B 142 23.92 9.42 -8.46
CA GLU B 142 23.78 10.65 -7.68
C GLU B 142 22.78 10.47 -6.57
N ILE B 143 22.94 11.28 -5.51
CA ILE B 143 22.07 11.27 -4.34
C ILE B 143 21.56 12.68 -4.06
N TYR B 144 20.24 12.87 -4.12
CA TYR B 144 19.64 14.17 -3.88
C TYR B 144 19.01 14.20 -2.49
N ILE B 145 19.39 15.19 -1.71
CA ILE B 145 18.92 15.32 -0.34
C ILE B 145 17.90 16.43 -0.22
N THR B 146 16.72 16.11 0.29
CA THR B 146 15.67 17.13 0.45
C THR B 146 16.14 18.06 1.56
N HIS B 147 16.74 17.49 2.60
CA HIS B 147 17.28 18.24 3.72
C HIS B 147 18.16 17.31 4.54
N MET B 148 18.98 17.88 5.42
CA MET B 148 19.91 17.06 6.19
C MET B 148 19.52 16.59 7.60
N HIS B 149 18.26 16.22 7.79
CA HIS B 149 17.88 15.68 9.10
C HIS B 149 18.40 14.24 9.00
N PRO B 150 18.77 13.64 10.15
CA PRO B 150 19.31 12.29 10.21
C PRO B 150 18.57 11.18 9.52
N ASP B 151 17.25 11.25 9.49
CA ASP B 151 16.51 10.19 8.85
C ASP B 151 16.56 10.33 7.32
N HIS B 152 17.40 11.23 6.83
CA HIS B 152 17.53 11.45 5.39
C HIS B 152 18.94 11.30 4.87
N VAL B 153 19.91 11.62 5.73
CA VAL B 153 21.31 11.51 5.34
C VAL B 153 22.05 10.39 6.06
N GLY B 154 21.46 9.88 7.14
CA GLY B 154 22.10 8.79 7.88
C GLY B 154 22.62 7.69 6.94
N GLY B 155 21.74 7.20 6.07
CA GLY B 155 22.13 6.15 5.15
C GLY B 155 23.27 6.52 4.20
N LEU B 156 23.78 7.74 4.25
CA LEU B 156 24.91 8.07 3.37
C LEU B 156 26.11 7.23 3.78
N MET B 157 26.18 6.87 5.06
CA MET B 157 27.30 6.11 5.59
C MET B 157 26.97 4.71 6.10
N VAL B 158 27.90 3.81 5.88
CA VAL B 158 27.80 2.42 6.31
C VAL B 158 29.03 2.30 7.22
N GLY B 159 28.79 2.26 8.52
CA GLY B 159 29.91 2.19 9.43
C GLY B 159 30.69 3.48 9.22
N GLU B 160 31.96 3.34 8.88
CA GLU B 160 32.87 4.47 8.65
C GLU B 160 33.05 4.68 7.14
N GLN B 161 32.45 3.79 6.36
CA GLN B 161 32.54 3.79 4.90
C GLN B 161 31.41 4.48 4.15
N LEU B 162 31.75 5.02 2.98
CA LEU B 162 30.76 5.66 2.12
C LEU B 162 29.85 4.51 1.70
N ALA B 163 28.54 4.69 1.84
CA ALA B 163 27.61 3.63 1.48
C ALA B 163 27.49 3.55 -0.04
N PHE B 164 27.57 4.71 -0.67
CA PHE B 164 27.44 4.82 -2.12
C PHE B 164 28.76 5.41 -2.66
N PRO B 165 29.78 4.56 -2.75
CA PRO B 165 31.14 4.88 -3.21
C PRO B 165 31.31 5.55 -4.59
N ASN B 166 30.37 5.31 -5.50
CA ASN B 166 30.48 5.88 -6.84
C ASN B 166 29.53 7.06 -7.09
N ALA B 167 28.89 7.53 -6.02
CA ALA B 167 27.92 8.60 -6.12
C ALA B 167 28.38 10.00 -5.73
N VAL B 168 27.81 10.98 -6.41
CA VAL B 168 28.05 12.38 -6.12
C VAL B 168 26.80 12.73 -5.30
N VAL B 169 26.96 13.45 -4.20
CA VAL B 169 25.82 13.84 -3.39
C VAL B 169 25.51 15.31 -3.65
N ARG B 170 24.22 15.66 -3.70
CA ARG B 170 23.78 17.03 -3.96
C ARG B 170 22.74 17.48 -2.95
N ALA B 171 22.80 18.77 -2.59
CA ALA B 171 21.86 19.39 -1.65
C ALA B 171 21.93 20.90 -1.89
N ASP B 172 21.01 21.68 -1.32
CA ASP B 172 21.04 23.13 -1.51
C ASP B 172 22.15 23.68 -0.62
N GLN B 173 22.95 24.60 -1.16
CA GLN B 173 24.06 25.22 -0.41
C GLN B 173 23.56 25.77 0.92
N LYS B 174 22.38 26.39 0.92
CA LYS B 174 21.84 26.90 2.17
C LYS B 174 21.69 25.77 3.17
N GLU B 175 21.35 24.58 2.69
CA GLU B 175 21.21 23.45 3.60
C GLU B 175 22.58 23.14 4.19
N ALA B 176 23.59 23.08 3.32
CA ALA B 176 24.96 22.77 3.73
C ALA B 176 25.53 23.81 4.69
N ASP B 177 25.43 25.09 4.31
CA ASP B 177 25.94 26.17 5.15
C ASP B 177 25.38 26.06 6.55
N PHE B 178 24.11 25.67 6.65
CA PHE B 178 23.45 25.56 7.94
C PHE B 178 23.81 24.35 8.81
N TRP B 179 23.60 23.14 8.28
CA TRP B 179 23.89 21.94 9.07
C TRP B 179 25.37 21.64 9.26
N LEU B 180 26.19 21.97 8.27
CA LEU B 180 27.63 21.72 8.34
C LEU B 180 28.47 22.81 9.04
N SER B 181 27.83 23.81 9.62
CA SER B 181 28.54 24.90 10.29
C SER B 181 28.92 24.59 11.73
N GLN B 182 30.21 24.45 11.98
CA GLN B 182 30.71 24.18 13.33
C GLN B 182 30.15 25.26 14.27
N THR B 183 29.91 26.45 13.73
CA THR B 183 29.37 27.54 14.53
C THR B 183 27.98 27.16 15.03
N ASN B 184 27.06 26.92 14.09
CA ASN B 184 25.68 26.56 14.44
C ASN B 184 25.55 25.44 15.47
N LEU B 185 26.48 24.48 15.45
CA LEU B 185 26.47 23.38 16.41
C LEU B 185 26.80 23.99 17.78
N ASP B 186 27.78 24.89 17.78
CA ASP B 186 28.21 25.57 18.98
C ASP B 186 27.26 26.73 19.29
N LYS B 187 25.95 26.53 19.07
CA LYS B 187 24.99 27.59 19.34
C LYS B 187 23.61 26.99 19.64
N ALA B 188 23.56 25.66 19.67
CA ALA B 188 22.32 24.96 19.96
C ALA B 188 22.50 24.34 21.35
N PRO B 189 22.26 25.13 22.42
CA PRO B 189 22.41 24.62 23.78
C PRO B 189 21.66 23.32 24.03
N ASP B 190 20.62 23.10 23.22
CA ASP B 190 19.80 21.90 23.32
C ASP B 190 20.67 20.64 23.19
N ASP B 191 21.14 20.11 24.33
CA ASP B 191 21.99 18.91 24.36
C ASP B 191 21.29 17.83 23.52
N GLU B 192 22.03 17.22 22.59
CA GLU B 192 21.48 16.21 21.69
C GLU B 192 20.28 16.82 20.93
N SER B 193 20.68 17.76 20.06
CA SER B 193 19.87 18.56 19.13
C SER B 193 21.07 19.00 18.30
N LYS B 194 22.20 18.94 18.98
CA LYS B 194 23.50 19.23 18.43
C LYS B 194 23.73 17.94 17.66
N GLY B 195 22.98 16.93 18.07
CA GLY B 195 23.04 15.63 17.43
C GLY B 195 22.64 15.78 15.96
N PHE B 196 21.57 16.53 15.70
CA PHE B 196 21.16 16.76 14.32
C PHE B 196 22.34 17.36 13.57
N PHE B 197 23.03 18.31 14.21
CA PHE B 197 24.18 18.94 13.60
C PHE B 197 25.30 17.93 13.40
N LYS B 198 25.51 17.08 14.40
CA LYS B 198 26.56 16.05 14.31
C LYS B 198 26.15 14.99 13.30
N GLY B 199 24.85 14.70 13.26
CA GLY B 199 24.34 13.69 12.34
C GLY B 199 24.63 14.10 10.92
N ALA B 200 24.25 15.33 10.60
CA ALA B 200 24.49 15.86 9.27
C ALA B 200 26.01 15.82 8.93
N MET B 201 26.82 16.39 9.82
CA MET B 201 28.27 16.45 9.64
C MET B 201 28.90 15.08 9.45
N ALA B 202 28.63 14.17 10.39
CA ALA B 202 29.18 12.83 10.30
C ALA B 202 28.72 12.15 9.00
N SER B 203 27.52 12.50 8.58
CA SER B 203 26.92 11.90 7.39
C SER B 203 27.43 12.49 6.06
N LEU B 204 27.65 13.81 6.01
CA LEU B 204 28.10 14.42 4.76
C LEU B 204 29.59 14.76 4.57
N ASN B 205 30.32 14.99 5.66
CA ASN B 205 31.73 15.36 5.48
C ASN B 205 32.59 14.28 4.81
N PRO B 206 32.25 12.99 4.99
CA PRO B 206 33.10 12.02 4.32
C PRO B 206 33.01 12.22 2.81
N TYR B 207 31.84 12.67 2.34
CA TYR B 207 31.66 12.91 0.91
C TYR B 207 32.32 14.21 0.48
N VAL B 208 32.27 15.23 1.34
CA VAL B 208 32.94 16.50 1.05
C VAL B 208 34.45 16.22 0.92
N LYS B 209 35.01 15.54 1.93
CA LYS B 209 36.43 15.18 1.96
C LYS B 209 36.87 14.37 0.75
N ALA B 210 35.93 13.69 0.12
CA ALA B 210 36.27 12.88 -1.06
C ALA B 210 35.95 13.63 -2.35
N GLY B 211 35.53 14.89 -2.25
CA GLY B 211 35.22 15.64 -3.46
C GLY B 211 33.96 15.08 -4.12
N LYS B 212 33.10 14.46 -3.32
CA LYS B 212 31.86 13.90 -3.83
C LYS B 212 30.61 14.69 -3.45
N PHE B 213 30.78 15.94 -3.02
CA PHE B 213 29.64 16.76 -2.67
C PHE B 213 29.54 17.94 -3.63
N LYS B 214 28.39 18.12 -4.25
CA LYS B 214 28.24 19.19 -5.21
C LYS B 214 26.90 19.87 -4.98
N PRO B 215 26.92 20.97 -4.22
CA PRO B 215 25.68 21.71 -3.94
C PRO B 215 25.17 22.46 -5.17
N PHE B 216 23.95 22.97 -5.05
CA PHE B 216 23.32 23.77 -6.10
C PHE B 216 22.68 24.93 -5.36
N SER B 217 22.19 25.93 -6.07
CA SER B 217 21.57 27.05 -5.39
C SER B 217 20.18 27.33 -5.94
N GLY B 218 19.17 27.05 -5.15
CA GLY B 218 17.82 27.29 -5.61
C GLY B 218 17.47 26.34 -6.72
N ASN B 219 16.54 26.75 -7.56
CA ASN B 219 16.08 25.89 -8.64
C ASN B 219 17.22 25.49 -9.56
N THR B 220 17.28 24.21 -9.90
CA THR B 220 18.36 23.75 -10.75
C THR B 220 18.13 22.37 -11.39
N ASP B 221 18.26 22.33 -12.71
CA ASP B 221 18.09 21.10 -13.45
C ASP B 221 19.25 20.17 -13.10
N LEU B 222 18.94 18.95 -12.67
CA LEU B 222 19.97 17.99 -12.34
C LEU B 222 20.03 17.07 -13.55
N VAL B 223 20.29 15.78 -13.39
CA VAL B 223 20.31 14.94 -14.57
C VAL B 223 18.99 15.14 -15.33
N PRO B 224 18.99 14.86 -16.66
CA PRO B 224 17.77 15.00 -17.47
C PRO B 224 16.61 14.25 -16.80
N GLY B 225 15.45 14.88 -16.72
CA GLY B 225 14.28 14.28 -16.11
C GLY B 225 14.06 14.67 -14.66
N ILE B 226 15.06 15.31 -14.04
CA ILE B 226 14.94 15.70 -12.64
C ILE B 226 15.37 17.12 -12.32
N LYS B 227 14.48 17.87 -11.65
CA LYS B 227 14.72 19.27 -11.24
C LYS B 227 14.67 19.50 -9.74
N ALA B 228 15.60 20.32 -9.22
CA ALA B 228 15.58 20.70 -7.81
C ALA B 228 14.77 21.99 -7.77
N LEU B 229 13.73 22.01 -6.94
CA LEU B 229 12.89 23.20 -6.77
C LEU B 229 12.97 23.57 -5.31
N ALA B 230 13.31 24.82 -5.02
CA ALA B 230 13.43 25.26 -3.63
C ALA B 230 12.08 25.17 -2.93
N SER B 231 12.09 24.67 -1.69
CA SER B 231 10.88 24.58 -0.87
C SER B 231 11.38 24.78 0.56
N HIS B 232 12.03 25.91 0.78
CA HIS B 232 12.60 26.21 2.07
C HIS B 232 11.54 26.52 3.12
N GLY B 233 11.82 26.09 4.35
CA GLY B 233 10.91 26.32 5.45
C GLY B 233 11.16 25.30 6.54
N HIS B 234 11.00 24.03 6.19
CA HIS B 234 11.23 22.96 7.14
C HIS B 234 12.67 23.12 7.65
N THR B 235 13.58 23.39 6.72
CA THR B 235 14.98 23.65 7.04
C THR B 235 15.40 24.73 6.05
N PRO B 236 16.48 25.46 6.34
CA PRO B 236 16.96 26.52 5.47
C PRO B 236 17.03 26.19 3.98
N GLY B 237 17.42 24.97 3.64
CA GLY B 237 17.52 24.65 2.23
C GLY B 237 16.70 23.45 1.80
N HIS B 238 15.59 23.19 2.50
CA HIS B 238 14.75 22.05 2.18
C HIS B 238 14.38 22.11 0.70
N THR B 239 14.67 21.03 -0.01
CA THR B 239 14.41 21.03 -1.42
C THR B 239 13.49 19.96 -1.96
N THR B 240 12.65 20.35 -2.92
CA THR B 240 11.75 19.41 -3.57
C THR B 240 12.43 18.96 -4.87
N TYR B 241 12.34 17.68 -5.17
CA TYR B 241 12.92 17.13 -6.40
C TYR B 241 11.77 16.68 -7.29
N VAL B 242 11.67 17.29 -8.46
CA VAL B 242 10.61 16.95 -9.38
C VAL B 242 11.13 16.06 -10.50
N VAL B 243 10.54 14.89 -10.63
CA VAL B 243 10.96 13.99 -11.70
C VAL B 243 9.85 13.98 -12.75
N GLU B 244 10.26 14.01 -14.02
CA GLU B 244 9.28 14.08 -15.10
C GLU B 244 9.75 13.38 -16.36
N SER B 245 8.90 12.50 -16.88
CA SER B 245 9.22 11.75 -18.07
C SER B 245 7.94 11.49 -18.87
N GLN B 246 7.96 11.90 -20.13
CA GLN B 246 6.82 11.72 -21.02
C GLN B 246 5.56 12.36 -20.49
N GLY B 247 5.67 13.54 -19.90
CA GLY B 247 4.49 14.21 -19.39
C GLY B 247 3.98 13.76 -18.02
N GLN B 248 4.50 12.66 -17.51
CA GLN B 248 4.11 12.14 -16.21
C GLN B 248 5.05 12.72 -15.14
N LYS B 249 4.48 13.45 -14.19
CA LYS B 249 5.25 14.10 -13.16
C LYS B 249 5.10 13.54 -11.75
N LEU B 250 6.22 13.55 -11.03
CA LEU B 250 6.29 13.08 -9.65
C LEU B 250 7.09 14.08 -8.83
N ALA B 251 6.44 14.75 -7.89
CA ALA B 251 7.17 15.71 -7.07
C ALA B 251 7.57 15.10 -5.74
N LEU B 252 8.88 15.01 -5.51
CA LEU B 252 9.35 14.44 -4.25
C LEU B 252 9.45 15.56 -3.23
N LEU B 253 8.47 15.59 -2.32
CA LEU B 253 8.31 16.62 -1.30
C LEU B 253 9.11 16.53 0.00
N GLY B 254 9.88 15.47 0.19
CA GLY B 254 10.63 15.37 1.43
C GLY B 254 9.75 15.48 2.67
N ASP B 255 10.10 16.37 3.59
CA ASP B 255 9.32 16.50 4.83
C ASP B 255 8.32 17.66 4.76
N LEU B 256 7.79 17.94 3.57
CA LEU B 256 6.81 19.02 3.44
C LEU B 256 5.55 18.67 4.22
N ILE B 257 5.41 17.39 4.58
CA ILE B 257 4.28 16.94 5.39
C ILE B 257 4.75 15.81 6.33
N LEU B 258 4.35 15.88 7.59
CA LEU B 258 4.78 14.90 8.59
C LEU B 258 3.68 13.99 9.13
N VAL B 259 2.50 14.57 9.36
CA VAL B 259 1.36 13.83 9.90
C VAL B 259 0.19 13.94 8.93
N ALA B 260 -0.01 12.90 8.13
CA ALA B 260 -1.08 12.88 7.14
C ALA B 260 -2.48 13.05 7.71
N ALA B 261 -2.72 12.47 8.89
CA ALA B 261 -4.05 12.53 9.47
C ALA B 261 -4.46 13.93 9.87
N VAL B 262 -3.47 14.81 9.99
CA VAL B 262 -3.71 16.18 10.42
C VAL B 262 -3.52 17.22 9.33
N GLN B 263 -2.33 17.22 8.74
CA GLN B 263 -1.90 18.18 7.74
C GLN B 263 -2.50 18.21 6.34
N PHE B 264 -3.25 17.19 5.96
CA PHE B 264 -3.90 17.21 4.66
C PHE B 264 -5.20 17.97 4.85
N ASP B 265 -5.92 17.67 5.95
CA ASP B 265 -7.17 18.37 6.23
C ASP B 265 -6.85 19.80 6.72
N ASP B 266 -5.65 20.00 7.25
CA ASP B 266 -5.25 21.31 7.76
C ASP B 266 -3.79 21.62 7.46
N PRO B 267 -3.51 22.09 6.23
CA PRO B 267 -2.16 22.44 5.76
C PRO B 267 -1.46 23.49 6.64
N SER B 268 -2.24 24.19 7.48
CA SER B 268 -1.71 25.25 8.36
C SER B 268 -0.97 24.77 9.62
N VAL B 269 -1.28 23.57 10.08
CA VAL B 269 -0.64 23.06 11.29
C VAL B 269 0.82 22.73 11.04
N THR B 270 1.70 23.27 11.88
CA THR B 270 3.13 23.02 11.76
C THR B 270 3.63 22.18 12.94
N THR B 271 4.94 21.99 13.02
CA THR B 271 5.48 21.19 14.11
C THR B 271 6.74 21.84 14.65
N GLN B 272 7.17 21.39 15.82
CA GLN B 272 8.35 21.97 16.43
C GLN B 272 9.68 21.71 15.72
N LEU B 273 9.71 20.80 14.75
CA LEU B 273 10.98 20.53 14.06
C LEU B 273 11.16 21.39 12.83
N ASP B 274 10.16 22.25 12.56
CA ASP B 274 10.19 23.14 11.41
C ASP B 274 11.01 24.37 11.73
N SER B 275 12.03 24.66 10.94
CA SER B 275 12.86 25.84 11.17
C SER B 275 12.02 27.13 11.07
N ASP B 276 11.32 27.36 9.95
CA ASP B 276 10.46 28.54 9.83
C ASP B 276 9.01 28.10 9.58
N SER B 277 8.25 28.11 10.67
CA SER B 277 6.85 27.72 10.68
C SER B 277 6.04 28.32 9.51
N LYS B 278 6.02 29.63 9.41
CA LYS B 278 5.26 30.26 8.34
C LYS B 278 5.66 29.72 6.96
N SER B 279 6.97 29.56 6.74
CA SER B 279 7.48 29.06 5.48
C SER B 279 7.05 27.65 5.14
N VAL B 280 7.11 26.74 6.10
CA VAL B 280 6.68 25.39 5.80
C VAL B 280 5.19 25.39 5.42
N ALA B 281 4.39 26.13 6.17
CA ALA B 281 2.96 26.16 5.87
C ALA B 281 2.77 26.64 4.44
N VAL B 282 3.36 27.78 4.13
CA VAL B 282 3.25 28.35 2.79
C VAL B 282 3.69 27.36 1.71
N GLU B 283 4.87 26.79 1.85
CA GLU B 283 5.37 25.87 0.84
C GLU B 283 4.54 24.58 0.71
N ARG B 284 3.98 24.11 1.81
CA ARG B 284 3.16 22.90 1.78
C ARG B 284 1.92 23.20 0.94
N LYS B 285 1.25 24.30 1.26
CA LYS B 285 0.03 24.73 0.55
C LYS B 285 0.29 24.92 -0.93
N LYS B 286 1.44 25.51 -1.23
CA LYS B 286 1.80 25.70 -2.62
C LYS B 286 1.96 24.32 -3.27
N ALA B 287 2.68 23.41 -2.61
CA ALA B 287 2.83 22.06 -3.17
C ALA B 287 1.45 21.41 -3.38
N PHE B 288 0.66 21.32 -2.32
CA PHE B 288 -0.67 20.73 -2.40
C PHE B 288 -1.59 21.37 -3.45
N ALA B 289 -1.60 22.71 -3.50
CA ALA B 289 -2.42 23.43 -4.47
C ALA B 289 -1.95 23.09 -5.88
N ASP B 290 -0.64 22.95 -6.02
CA ASP B 290 -0.03 22.66 -7.32
C ASP B 290 -0.26 21.24 -7.81
N ALA B 291 -0.25 20.27 -6.89
CA ALA B 291 -0.48 18.88 -7.27
C ALA B 291 -1.98 18.67 -7.49
N ALA B 292 -2.80 19.49 -6.85
CA ALA B 292 -4.25 19.41 -7.00
C ALA B 292 -4.63 19.93 -8.39
N LYS B 293 -4.06 21.07 -8.79
CA LYS B 293 -4.34 21.64 -10.10
C LYS B 293 -3.67 20.87 -11.25
N GLY B 294 -2.50 20.30 -10.98
CA GLY B 294 -1.77 19.55 -12.00
C GLY B 294 -2.19 18.11 -12.12
N GLY B 295 -2.75 17.57 -11.02
CA GLY B 295 -3.20 16.20 -11.04
C GLY B 295 -2.08 15.19 -11.22
N TYR B 296 -0.88 15.57 -10.83
CA TYR B 296 0.25 14.67 -10.96
C TYR B 296 0.54 14.02 -9.58
N LEU B 297 1.47 13.09 -9.54
CA LEU B 297 1.80 12.42 -8.29
C LEU B 297 2.74 13.22 -7.39
N ILE B 298 2.65 12.96 -6.09
CA ILE B 298 3.56 13.56 -5.13
C ILE B 298 4.01 12.39 -4.23
N ALA B 299 5.17 12.52 -3.60
CA ALA B 299 5.67 11.50 -2.67
C ALA B 299 6.23 12.26 -1.46
N ALA B 300 6.20 11.62 -0.31
CA ALA B 300 6.69 12.23 0.92
C ALA B 300 7.26 11.15 1.82
N SER B 301 8.41 11.45 2.42
CA SER B 301 9.15 10.55 3.29
C SER B 301 8.40 9.85 4.38
N HIS B 302 7.41 10.53 4.95
CA HIS B 302 6.65 9.99 6.07
C HIS B 302 5.18 9.70 5.85
N LEU B 303 4.77 9.61 4.59
CA LEU B 303 3.40 9.24 4.27
C LEU B 303 3.55 7.71 4.29
N SER B 304 2.48 7.01 4.67
CA SER B 304 2.49 5.56 4.77
C SER B 304 3.14 4.93 3.53
N PHE B 305 4.15 4.08 3.75
CA PHE B 305 4.87 3.42 2.66
C PHE B 305 3.91 2.89 1.58
N PRO B 306 4.21 3.11 0.27
CA PRO B 306 5.35 3.80 -0.35
C PRO B 306 5.21 5.31 -0.34
N GLY B 307 4.09 5.82 0.19
CA GLY B 307 3.92 7.27 0.27
C GLY B 307 3.76 8.02 -1.04
N ILE B 308 3.23 7.32 -2.03
CA ILE B 308 3.00 7.94 -3.34
C ILE B 308 1.50 8.02 -3.66
N GLY B 309 1.04 9.19 -4.10
CA GLY B 309 -0.35 9.34 -4.45
C GLY B 309 -0.62 10.67 -5.13
N HIS B 310 -1.89 10.94 -5.42
CA HIS B 310 -2.31 12.19 -6.03
C HIS B 310 -2.97 12.99 -4.90
N ILE B 311 -3.34 14.22 -5.18
CA ILE B 311 -3.98 15.04 -4.17
C ILE B 311 -5.11 15.83 -4.82
N ARG B 312 -6.20 15.99 -4.10
CA ARG B 312 -7.31 16.76 -4.61
C ARG B 312 -7.85 17.61 -3.49
N ALA B 313 -8.44 18.75 -3.83
CA ALA B 313 -9.00 19.61 -2.81
C ALA B 313 -10.32 19.04 -2.28
N GLU B 314 -10.52 19.12 -0.97
CA GLU B 314 -11.76 18.65 -0.37
C GLU B 314 -12.10 19.68 0.68
N GLY B 315 -13.09 20.50 0.35
CA GLY B 315 -13.54 21.56 1.23
C GLY B 315 -12.49 22.53 1.72
N LYS B 316 -12.23 22.44 3.02
CA LYS B 316 -11.27 23.30 3.72
C LYS B 316 -9.83 23.10 3.26
N GLY B 317 -9.45 21.85 2.96
CA GLY B 317 -8.08 21.56 2.56
C GLY B 317 -7.86 20.49 1.50
N TYR B 318 -7.12 19.44 1.82
CA TYR B 318 -6.85 18.39 0.83
C TYR B 318 -7.15 16.95 1.23
N ARG B 319 -7.11 16.07 0.24
CA ARG B 319 -7.37 14.64 0.42
C ARG B 319 -6.29 13.89 -0.36
N PHE B 320 -5.54 13.03 0.32
CA PHE B 320 -4.50 12.26 -0.36
C PHE B 320 -5.04 10.94 -0.90
N VAL B 321 -4.86 10.70 -2.20
CA VAL B 321 -5.33 9.46 -2.82
C VAL B 321 -4.04 8.66 -3.18
N PRO B 322 -3.72 7.62 -2.40
CA PRO B 322 -2.51 6.82 -2.66
C PRO B 322 -2.56 6.13 -4.01
N VAL B 323 -1.40 5.99 -4.67
CA VAL B 323 -1.41 5.34 -5.98
C VAL B 323 -2.14 3.99 -5.89
N ASN B 324 -2.76 3.60 -6.98
CA ASN B 324 -3.46 2.33 -6.99
C ASN B 324 -2.43 1.24 -7.25
N TYR B 325 -2.50 0.15 -6.49
CA TYR B 325 -1.55 -0.94 -6.67
C TYR B 325 -1.40 -1.27 -8.15
N SER B 326 -0.16 -1.37 -8.61
CA SER B 326 0.08 -1.68 -10.00
C SER B 326 1.24 -2.64 -10.19
N VAL B 327 1.05 -3.63 -11.06
CA VAL B 327 2.09 -4.60 -11.34
C VAL B 327 2.93 -4.18 -12.55
N VAL B 328 4.24 -4.20 -12.40
CA VAL B 328 5.14 -3.84 -13.50
C VAL B 328 5.91 -5.10 -13.88
N ASN B 329 6.06 -5.36 -15.18
CA ASN B 329 6.78 -6.57 -15.62
C ASN B 329 8.03 -6.30 -16.50
ZN ZN C . -13.60 -11.49 -7.75
ZN ZN D . -17.19 -12.34 -8.21
K K E . -12.58 -27.36 9.78
K K F . -26.42 -20.15 2.17
K K G . 5.67 -27.75 -2.27
NA NA H . -13.51 -29.39 8.03
NA NA I . -12.00 -13.25 20.78
ZN ZN J . 12.13 13.20 7.91
CD CD K . 12.85 16.89 8.70
K K L . 12.09 9.36 -22.13
NA NA M . 27.80 -4.15 -2.94
NA NA N . 15.37 30.52 1.42
NA NA O . 14.91 23.52 -16.86
#